data_9MW7
#
_entry.id   9MW7
#
_cell.length_a   1.00
_cell.length_b   1.00
_cell.length_c   1.00
_cell.angle_alpha   90.00
_cell.angle_beta   90.00
_cell.angle_gamma   90.00
#
_symmetry.space_group_name_H-M   'P 1'
#
loop_
_entity.id
_entity.type
_entity.pdbx_description
1 polymer 'RNA (27-MER)'
2 polymer 'RNA (27-MER)'
3 polymer AncD1D2
4 non-polymer 'ALUMINUM FLUORIDE'
5 non-polymer "ADENOSINE-5'-DIPHOSPHATE"
#
loop_
_entity_poly.entity_id
_entity_poly.type
_entity_poly.pdbx_seq_one_letter_code
_entity_poly.pdbx_strand_id
1 'polyribonucleotide' AUACGUCCUGAUAGUUAGUAUCCAUCG B
2 'polyribonucleotide' CGAUGGAUACUAACUAUCAGGACGUAU C
3 'polypeptide(L)'
;MDETDEDEFTPRPYQVELLERAMKKNTIVCLGTGSGKTFIAVMLIKELAHEIRGPFNEGGKRTFFLVNTVPLVNQQAKVI
RKHTSLKVGEYVGDMGVDSWNKEKWNQEFEKHQVLVMTAQIFLDILNHGFISLSQVNLLIFDECHHAVKNHPYRQIMRHY
KNLEQNDRPRILGLTASVINSKCKPNQVEKKIKELEATLNSRVVTASDLEEVAVQKYATKPKEIIVSYNSDRKSDTSEVI
ENIINQALEQLSNIEETSNLNDTNSLKQIKKVLRDIKNILDELGPWCAHRVIKSRIRQLEKRESETAEELRTIRELLQSI
FEQIINVLKNLEKLQKNNSVEFVSPKVKKLLEILKQYFSNNNNSSKELCGIIFVERRYTAYVLYKLLNELSAKRDDDFSF
IKCDFVVGHNSSPSSKEKSTEMNSKKQKEVLKKFRKGECNLLVATSVVEEGIDIPKCNLVVRFDLPKNFRSYVQSKGRAR
AKNSKYIIMVEEDEKNKFQEDLNQYQEIEKILLRLCHNRDAPSEEDFDSFEDELLPPYMPYGTDGPRVTMSSAISLLHRY
CSKLPSDRFTTLTPKFTYIEQNNEEENKMFRCTLRLPINSPLREPITGQPMPSKKLAKRSAALEACKKLHEMGELDDHLL
PVKISRKNAELK
;
A
#
loop_
_chem_comp.id
_chem_comp.type
_chem_comp.name
_chem_comp.formula
A RNA linking ADENOSINE-5'-MONOPHOSPHATE 'C10 H14 N5 O7 P'
ADP non-polymer ADENOSINE-5'-DIPHOSPHATE 'C10 H15 N5 O10 P2'
AF3 non-polymer 'ALUMINUM FLUORIDE' 'Al F3'
C RNA linking CYTIDINE-5'-MONOPHOSPHATE 'C9 H14 N3 O8 P'
G RNA linking GUANOSINE-5'-MONOPHOSPHATE 'C10 H14 N5 O8 P'
U RNA linking URIDINE-5'-MONOPHOSPHATE 'C9 H13 N2 O9 P'
#
# COMPACT_ATOMS: atom_id res chain seq x y z
N GLU C 8 -23.52 14.05 -15.83
CA GLU C 8 -22.63 12.90 -15.65
C GLU C 8 -21.50 13.26 -14.70
N PHE C 9 -21.17 14.54 -14.62
CA PHE C 9 -20.13 15.03 -13.73
C PHE C 9 -20.71 15.39 -12.36
N THR C 10 -20.04 14.94 -11.31
CA THR C 10 -20.52 15.11 -9.95
C THR C 10 -19.50 15.90 -9.14
N PRO C 11 -19.71 17.20 -8.94
CA PRO C 11 -18.73 18.00 -8.17
C PRO C 11 -18.89 17.85 -6.67
N ARG C 12 -18.12 18.65 -5.91
CA ARG C 12 -18.16 18.67 -4.46
C ARG C 12 -17.85 20.09 -4.02
N PRO C 13 -18.64 20.69 -3.12
CA PRO C 13 -18.44 22.12 -2.81
C PRO C 13 -17.11 22.43 -2.13
N TYR C 14 -16.75 21.70 -1.07
CA TYR C 14 -15.55 22.07 -0.32
C TYR C 14 -14.28 21.73 -1.11
N GLN C 15 -14.38 20.79 -2.04
CA GLN C 15 -13.17 20.30 -2.69
C GLN C 15 -12.62 21.31 -3.69
N VAL C 16 -13.48 22.15 -4.27
CA VAL C 16 -12.99 23.19 -5.15
C VAL C 16 -12.19 24.23 -4.36
N GLU C 17 -12.61 24.50 -3.12
CA GLU C 17 -11.85 25.37 -2.24
C GLU C 17 -10.54 24.72 -1.85
N LEU C 18 -10.59 23.42 -1.57
CA LEU C 18 -9.39 22.66 -1.22
C LEU C 18 -8.36 22.74 -2.34
N LEU C 19 -8.83 22.61 -3.59
CA LEU C 19 -7.92 22.66 -4.74
C LEU C 19 -7.21 24.00 -4.84
N GLU C 20 -7.96 25.10 -4.70
CA GLU C 20 -7.34 26.41 -4.87
C GLU C 20 -6.46 26.76 -3.68
N ARG C 21 -6.76 26.22 -2.50
CA ARG C 21 -5.85 26.40 -1.39
C ARG C 21 -4.56 25.59 -1.59
N ALA C 22 -4.68 24.38 -2.13
CA ALA C 22 -3.52 23.53 -2.34
C ALA C 22 -2.65 23.97 -3.51
N MET C 23 -3.22 24.68 -4.48
CA MET C 23 -2.44 25.12 -5.63
C MET C 23 -1.64 26.39 -5.29
N LYS C 24 -0.95 26.33 -4.15
CA LYS C 24 0.03 27.31 -3.74
C LYS C 24 1.40 26.70 -3.50
N LYS C 25 1.45 25.60 -2.75
CA LYS C 25 2.67 24.87 -2.47
C LYS C 25 2.32 23.40 -2.32
N ASN C 26 3.23 22.63 -1.76
CA ASN C 26 2.97 21.22 -1.49
C ASN C 26 2.03 21.12 -0.29
N THR C 27 0.88 20.46 -0.48
CA THR C 27 -0.16 20.40 0.54
C THR C 27 -0.74 19.00 0.59
N ILE C 28 -1.07 18.55 1.81
CA ILE C 28 -1.63 17.22 2.05
C ILE C 28 -3.00 17.39 2.69
N VAL C 29 -3.99 16.72 2.14
CA VAL C 29 -5.36 16.75 2.66
C VAL C 29 -5.64 15.46 3.43
N CYS C 30 -6.24 15.60 4.61
CA CYS C 30 -6.57 14.47 5.47
C CYS C 30 -8.04 14.56 5.85
N LEU C 31 -8.84 13.62 5.35
CA LEU C 31 -10.27 13.60 5.62
C LEU C 31 -10.74 12.17 5.75
N GLY C 32 -11.95 12.01 6.26
CA GLY C 32 -12.50 10.69 6.47
C GLY C 32 -12.96 10.03 5.19
N THR C 33 -13.39 8.78 5.34
CA THR C 33 -13.87 8.00 4.20
C THR C 33 -15.10 8.66 3.59
N GLY C 34 -15.18 8.64 2.27
CA GLY C 34 -16.30 9.21 1.56
C GLY C 34 -16.20 10.69 1.29
N SER C 35 -15.11 11.33 1.70
CA SER C 35 -15.03 12.79 1.62
C SER C 35 -14.98 13.27 0.18
N GLY C 36 -14.49 12.45 -0.74
CA GLY C 36 -14.25 12.92 -2.09
C GLY C 36 -12.87 13.50 -2.32
N LYS C 37 -11.90 13.20 -1.46
CA LYS C 37 -10.55 13.73 -1.62
C LYS C 37 -9.87 13.14 -2.86
N THR C 38 -10.17 11.88 -3.17
CA THR C 38 -9.56 11.23 -4.33
C THR C 38 -10.03 11.87 -5.64
N PHE C 39 -11.24 12.44 -5.63
CA PHE C 39 -11.83 12.94 -6.86
C PHE C 39 -11.01 14.09 -7.45
N ILE C 40 -10.52 14.99 -6.61
CA ILE C 40 -9.76 16.14 -7.08
C ILE C 40 -8.41 15.75 -7.67
N ALA C 41 -8.01 14.49 -7.54
CA ALA C 41 -6.80 14.03 -8.22
C ALA C 41 -6.94 14.22 -9.73
N VAL C 42 -8.10 13.86 -10.27
CA VAL C 42 -8.33 14.03 -11.71
C VAL C 42 -8.37 15.52 -12.08
N MET C 43 -8.93 16.36 -11.20
CA MET C 43 -8.99 17.79 -11.49
C MET C 43 -7.60 18.40 -11.53
N LEU C 44 -6.74 18.02 -10.59
CA LEU C 44 -5.39 18.55 -10.58
C LEU C 44 -4.56 17.95 -11.71
N ILE C 45 -4.87 16.72 -12.13
CA ILE C 45 -4.21 16.14 -13.30
C ILE C 45 -4.56 16.94 -14.55
N LYS C 46 -5.84 17.27 -14.71
CA LYS C 46 -6.26 18.06 -15.87
C LYS C 46 -5.80 19.51 -15.79
N GLU C 47 -5.54 20.02 -14.59
CA GLU C 47 -5.04 21.38 -14.45
C GLU C 47 -3.67 21.57 -15.08
N LEU C 48 -2.88 20.51 -15.18
CA LEU C 48 -1.55 20.56 -15.77
C LEU C 48 -1.43 19.64 -16.99
N ALA C 49 -2.55 19.41 -17.68
CA ALA C 49 -2.53 18.53 -18.84
C ALA C 49 -1.68 19.09 -19.97
N HIS C 50 -1.51 20.42 -20.02
CA HIS C 50 -0.74 21.05 -21.09
C HIS C 50 0.72 20.59 -21.05
N GLU C 51 1.30 20.50 -19.86
CA GLU C 51 2.69 20.05 -19.73
C GLU C 51 2.83 18.61 -20.19
N ILE C 52 1.86 17.75 -19.86
CA ILE C 52 1.93 16.34 -20.20
C ILE C 52 1.91 16.11 -21.71
N ARG C 53 1.42 17.08 -22.48
CA ARG C 53 1.29 16.93 -23.93
C ARG C 53 2.64 16.84 -24.64
N GLY C 54 3.74 17.19 -23.97
CA GLY C 54 5.05 17.15 -24.57
C GLY C 54 5.45 15.78 -25.06
N PRO C 55 5.99 15.71 -26.27
CA PRO C 55 6.46 14.42 -26.80
C PRO C 55 7.66 13.90 -26.02
N PHE C 56 7.79 12.58 -26.03
CA PHE C 56 8.89 11.91 -25.33
C PHE C 56 10.12 11.73 -26.21
N ASN C 57 10.28 12.56 -27.25
CA ASN C 57 11.45 12.44 -28.11
C ASN C 57 12.74 12.70 -27.34
N GLU C 58 12.75 13.74 -26.50
CA GLU C 58 13.89 14.05 -25.64
C GLU C 58 13.51 13.95 -24.17
N GLY C 59 12.34 13.40 -23.85
CA GLY C 59 11.88 13.33 -22.48
C GLY C 59 10.84 14.39 -22.19
N GLY C 60 9.57 14.00 -22.22
CA GLY C 60 8.47 14.91 -21.96
C GLY C 60 8.00 14.84 -20.52
N LYS C 61 6.79 15.34 -20.30
CA LYS C 61 6.18 15.34 -18.98
C LYS C 61 5.13 14.24 -18.91
N ARG C 62 5.21 13.42 -17.86
CA ARG C 62 4.27 12.34 -17.62
C ARG C 62 3.87 12.35 -16.15
N THR C 63 2.70 11.79 -15.87
CA THR C 63 2.17 11.72 -14.52
C THR C 63 2.07 10.26 -14.10
N PHE C 64 2.54 9.96 -12.90
CA PHE C 64 2.53 8.60 -12.36
C PHE C 64 1.67 8.56 -11.11
N PHE C 65 0.88 7.50 -10.99
CA PHE C 65 -0.05 7.31 -9.87
C PHE C 65 0.34 6.01 -9.16
N LEU C 66 0.89 6.14 -7.96
CA LEU C 66 1.34 4.98 -7.19
C LEU C 66 0.18 4.46 -6.35
N VAL C 67 -0.13 3.17 -6.49
CA VAL C 67 -1.15 2.50 -5.70
C VAL C 67 -0.56 1.20 -5.16
N ASN C 68 -0.58 1.04 -3.84
CA ASN C 68 0.04 -0.13 -3.23
C ASN C 68 -0.68 -1.41 -3.62
N THR C 69 -2.01 -1.40 -3.60
CA THR C 69 -2.79 -2.60 -3.81
C THR C 69 -3.08 -2.81 -5.29
N VAL C 70 -3.07 -4.07 -5.72
CA VAL C 70 -3.33 -4.43 -7.12
C VAL C 70 -4.81 -4.31 -7.50
N PRO C 71 -5.79 -4.56 -6.62
CA PRO C 71 -7.19 -4.42 -7.07
C PRO C 71 -7.61 -2.99 -7.29
N LEU C 72 -6.85 -2.02 -6.82
CA LEU C 72 -7.26 -0.61 -6.87
C LEU C 72 -6.81 0.10 -8.14
N VAL C 73 -5.75 -0.41 -8.80
CA VAL C 73 -5.20 0.30 -9.95
C VAL C 73 -6.22 0.37 -11.08
N ASN C 74 -6.89 -0.75 -11.37
CA ASN C 74 -7.88 -0.75 -12.43
C ASN C 74 -9.09 0.11 -12.06
N GLN C 75 -9.47 0.12 -10.79
CA GLN C 75 -10.60 0.93 -10.36
C GLN C 75 -10.31 2.41 -10.56
N GLN C 76 -9.16 2.88 -10.09
CA GLN C 76 -8.82 4.29 -10.28
C GLN C 76 -8.57 4.62 -11.75
N ALA C 77 -8.06 3.66 -12.53
CA ALA C 77 -7.90 3.88 -13.96
C ALA C 77 -9.25 4.09 -14.63
N LYS C 78 -10.24 3.28 -14.27
CA LYS C 78 -11.57 3.48 -14.81
C LYS C 78 -12.16 4.81 -14.35
N VAL C 79 -11.90 5.18 -13.10
CA VAL C 79 -12.43 6.45 -12.57
C VAL C 79 -11.87 7.63 -13.37
N ILE C 80 -10.56 7.64 -13.61
CA ILE C 80 -9.96 8.74 -14.35
C ILE C 80 -10.41 8.71 -15.80
N ARG C 81 -10.56 7.51 -16.38
CA ARG C 81 -11.04 7.41 -17.76
C ARG C 81 -12.46 7.92 -17.90
N LYS C 82 -13.27 7.81 -16.85
CA LYS C 82 -14.67 8.23 -16.96
C LYS C 82 -14.78 9.74 -17.19
N HIS C 83 -13.94 10.54 -16.51
CA HIS C 83 -14.02 11.99 -16.61
C HIS C 83 -13.01 12.60 -17.57
N THR C 84 -12.11 11.81 -18.14
CA THR C 84 -11.07 12.33 -19.00
C THR C 84 -10.94 11.49 -20.25
N SER C 85 -10.48 12.11 -21.33
CA SER C 85 -10.26 11.45 -22.60
C SER C 85 -8.80 11.06 -22.81
N LEU C 86 -7.94 11.31 -21.83
CA LEU C 86 -6.53 10.97 -21.95
C LEU C 86 -6.34 9.46 -21.93
N LYS C 87 -5.37 8.99 -22.72
CA LYS C 87 -5.07 7.56 -22.77
C LYS C 87 -4.42 7.13 -21.46
N VAL C 88 -4.95 6.05 -20.88
CA VAL C 88 -4.49 5.54 -19.60
C VAL C 88 -4.27 4.04 -19.71
N GLY C 89 -3.16 3.55 -19.15
CA GLY C 89 -2.88 2.14 -19.08
C GLY C 89 -2.76 1.68 -17.64
N GLU C 90 -2.65 0.37 -17.46
CA GLU C 90 -2.53 -0.24 -16.16
C GLU C 90 -1.24 -1.06 -16.09
N TYR C 91 -0.53 -0.94 -14.98
CA TYR C 91 0.77 -1.59 -14.80
C TYR C 91 0.78 -2.39 -13.52
N VAL C 92 1.32 -3.61 -13.61
CA VAL C 92 1.42 -4.51 -12.46
C VAL C 92 2.42 -5.59 -12.82
N GLY C 93 3.18 -6.04 -11.82
CA GLY C 93 4.17 -7.06 -12.04
C GLY C 93 3.61 -8.44 -12.35
N ASP C 94 2.29 -8.59 -12.37
CA ASP C 94 1.70 -9.88 -12.69
C ASP C 94 2.02 -10.31 -14.12
N MET C 95 2.15 -9.35 -15.04
CA MET C 95 2.44 -9.68 -16.43
C MET C 95 3.84 -10.23 -16.63
N GLY C 96 4.74 -10.02 -15.66
CA GLY C 96 6.12 -10.45 -15.82
C GLY C 96 6.94 -9.52 -16.68
N VAL C 97 7.12 -8.29 -16.21
CA VAL C 97 7.85 -7.27 -16.96
C VAL C 97 9.32 -7.29 -16.56
N ASP C 98 9.74 -8.33 -15.84
CA ASP C 98 11.12 -8.44 -15.39
C ASP C 98 12.10 -8.68 -16.55
N SER C 99 11.60 -9.06 -17.72
CA SER C 99 12.44 -9.39 -18.87
C SER C 99 12.20 -8.42 -20.03
N TRP C 100 12.08 -7.14 -19.73
CA TRP C 100 11.78 -6.12 -20.73
C TRP C 100 12.97 -5.18 -20.88
N ASN C 101 13.37 -4.94 -22.13
CA ASN C 101 14.56 -4.14 -22.40
C ASN C 101 14.20 -2.67 -22.51
N LYS C 102 15.21 -1.85 -22.82
CA LYS C 102 15.02 -0.40 -22.85
C LYS C 102 14.06 0.03 -23.95
N GLU C 103 14.15 -0.59 -25.13
CA GLU C 103 13.34 -0.15 -26.26
C GLU C 103 11.85 -0.33 -25.98
N LYS C 104 11.47 -1.44 -25.36
CA LYS C 104 10.07 -1.67 -25.03
C LYS C 104 9.56 -0.61 -24.06
N TRP C 105 10.38 -0.25 -23.07
CA TRP C 105 9.97 0.78 -22.11
C TRP C 105 9.85 2.14 -22.79
N ASN C 106 10.76 2.45 -23.71
CA ASN C 106 10.65 3.70 -24.46
C ASN C 106 9.37 3.74 -25.27
N GLN C 107 9.03 2.63 -25.93
CA GLN C 107 7.78 2.54 -26.68
C GLN C 107 6.58 2.73 -25.76
N GLU C 108 6.63 2.10 -24.58
CA GLU C 108 5.53 2.24 -23.62
C GLU C 108 5.34 3.69 -23.20
N PHE C 109 6.45 4.36 -22.89
CA PHE C 109 6.37 5.76 -22.46
C PHE C 109 5.84 6.65 -23.58
N GLU C 110 6.29 6.41 -24.82
CA GLU C 110 5.82 7.22 -25.94
C GLU C 110 4.37 6.91 -26.30
N LYS C 111 3.86 5.73 -25.94
CA LYS C 111 2.52 5.33 -26.32
C LYS C 111 1.46 5.93 -25.40
N HIS C 112 1.51 5.59 -24.12
CA HIS C 112 0.49 6.02 -23.18
C HIS C 112 0.74 7.46 -22.75
N GLN C 113 -0.07 7.92 -21.81
CA GLN C 113 0.07 9.26 -21.23
C GLN C 113 0.17 9.24 -19.72
N VAL C 114 -0.55 8.35 -19.06
CA VAL C 114 -0.51 8.20 -17.61
C VAL C 114 -0.28 6.74 -17.28
N LEU C 115 0.68 6.46 -16.42
CA LEU C 115 1.07 5.09 -16.07
C LEU C 115 0.79 4.88 -14.58
N VAL C 116 -0.36 4.31 -14.27
CA VAL C 116 -0.70 3.98 -12.90
C VAL C 116 -0.05 2.65 -12.55
N MET C 117 0.74 2.62 -11.48
CA MET C 117 1.58 1.48 -11.17
C MET C 117 1.93 1.50 -9.69
N THR C 118 2.17 0.33 -9.12
CA THR C 118 2.51 0.22 -7.72
C THR C 118 3.86 0.89 -7.43
N ALA C 119 4.19 0.99 -6.14
CA ALA C 119 5.39 1.71 -5.74
C ALA C 119 6.66 0.93 -6.10
N GLN C 120 6.67 -0.38 -5.87
CA GLN C 120 7.91 -1.13 -5.99
C GLN C 120 8.44 -1.16 -7.43
N ILE C 121 7.55 -1.18 -8.42
CA ILE C 121 8.00 -1.13 -9.80
C ILE C 121 8.65 0.22 -10.10
N PHE C 122 8.12 1.30 -9.49
CA PHE C 122 8.78 2.59 -9.62
C PHE C 122 10.16 2.56 -8.97
N LEU C 123 10.28 1.90 -7.82
CA LEU C 123 11.60 1.71 -7.21
C LEU C 123 12.54 1.02 -8.20
N ASP C 124 12.06 -0.04 -8.85
CA ASP C 124 12.90 -0.81 -9.75
C ASP C 124 13.32 0.03 -10.96
N ILE C 125 12.40 0.78 -11.55
CA ILE C 125 12.74 1.55 -12.75
C ILE C 125 13.70 2.68 -12.40
N LEU C 126 13.51 3.32 -11.23
CA LEU C 126 14.47 4.35 -10.84
C LEU C 126 15.81 3.74 -10.44
N ASN C 127 15.81 2.48 -10.02
CA ASN C 127 17.05 1.84 -9.59
C ASN C 127 18.00 1.59 -10.75
N HIS C 128 17.47 1.16 -11.89
CA HIS C 128 18.29 0.80 -13.03
C HIS C 128 18.42 1.92 -14.05
N GLY C 129 17.97 3.13 -13.71
CA GLY C 129 18.23 4.28 -14.54
C GLY C 129 17.54 4.29 -15.88
N PHE C 130 16.42 3.57 -16.02
CA PHE C 130 15.66 3.64 -17.26
C PHE C 130 15.12 5.05 -17.49
N ILE C 131 14.74 5.74 -16.42
CA ILE C 131 14.47 7.16 -16.47
C ILE C 131 14.71 7.73 -15.09
N SER C 132 15.25 8.94 -15.03
CA SER C 132 15.50 9.59 -13.76
C SER C 132 14.24 10.32 -13.30
N LEU C 133 14.33 10.95 -12.12
CA LEU C 133 13.22 11.74 -11.63
C LEU C 133 12.99 13.01 -12.44
N SER C 134 13.92 13.35 -13.33
CA SER C 134 13.75 14.52 -14.18
C SER C 134 12.60 14.32 -15.15
N GLN C 135 11.94 15.42 -15.50
CA GLN C 135 10.83 15.44 -16.45
C GLN C 135 9.67 14.54 -16.00
N VAL C 136 9.39 14.50 -14.70
CA VAL C 136 8.20 13.85 -14.17
C VAL C 136 7.28 14.96 -13.69
N ASN C 137 6.13 15.09 -14.36
CA ASN C 137 5.27 16.25 -14.11
C ASN C 137 4.65 16.22 -12.72
N LEU C 138 4.19 15.05 -12.28
CA LEU C 138 3.47 14.96 -11.02
C LEU C 138 3.54 13.53 -10.51
N LEU C 139 3.28 13.36 -9.21
CA LEU C 139 3.45 12.06 -8.57
C LEU C 139 2.65 12.05 -7.28
N ILE C 140 1.74 11.09 -7.12
CA ILE C 140 0.87 11.00 -5.95
C ILE C 140 1.02 9.62 -5.32
N PHE C 141 1.25 9.61 -4.01
CA PHE C 141 1.34 8.36 -3.26
C PHE C 141 -0.06 7.79 -2.97
N ASP C 142 -0.07 6.58 -2.43
CA ASP C 142 -1.29 5.95 -1.94
C ASP C 142 -1.06 5.49 -0.51
N GLU C 143 -1.93 5.93 0.40
CA GLU C 143 -1.80 5.63 1.83
C GLU C 143 -0.43 6.07 2.34
N CYS C 144 -0.22 7.38 2.29
CA CYS C 144 1.07 7.96 2.65
C CYS C 144 1.44 7.73 4.11
N HIS C 145 0.49 7.32 4.95
CA HIS C 145 0.81 6.98 6.32
C HIS C 145 1.73 5.77 6.43
N HIS C 146 1.91 5.02 5.34
CA HIS C 146 2.88 3.93 5.32
C HIS C 146 4.32 4.41 5.17
N ALA C 147 4.54 5.69 4.84
CA ALA C 147 5.88 6.21 4.63
C ALA C 147 6.60 6.37 5.96
N VAL C 148 6.99 5.27 6.58
CA VAL C 148 7.66 5.26 7.88
C VAL C 148 8.70 4.15 7.87
N LYS C 149 9.85 4.43 8.48
CA LYS C 149 10.99 3.50 8.58
C LYS C 149 11.56 3.30 7.17
N ASN C 150 11.70 2.08 6.68
CA ASN C 150 12.31 1.80 5.38
C ASN C 150 11.26 1.46 4.33
N HIS C 151 10.10 2.11 4.38
CA HIS C 151 9.07 1.87 3.39
C HIS C 151 9.55 2.31 2.00
N PRO C 152 9.11 1.62 0.95
CA PRO C 152 9.53 2.01 -0.40
C PRO C 152 9.15 3.43 -0.77
N TYR C 153 8.09 3.99 -0.15
CA TYR C 153 7.78 5.40 -0.34
C TYR C 153 8.96 6.28 0.07
N ARG C 154 9.52 6.01 1.25
CA ARG C 154 10.66 6.78 1.71
C ARG C 154 11.90 6.49 0.88
N GLN C 155 12.04 5.26 0.38
CA GLN C 155 13.16 4.95 -0.50
C GLN C 155 13.09 5.78 -1.77
N ILE C 156 11.89 5.94 -2.34
CA ILE C 156 11.73 6.81 -3.51
C ILE C 156 12.04 8.25 -3.12
N MET C 157 11.49 8.72 -2.01
CA MET C 157 11.70 10.10 -1.61
C MET C 157 13.17 10.40 -1.33
N ARG C 158 13.95 9.38 -0.97
CA ARG C 158 15.38 9.56 -0.72
C ARG C 158 16.12 9.98 -1.98
N HIS C 159 15.64 9.58 -3.15
CA HIS C 159 16.28 9.98 -4.40
C HIS C 159 16.26 11.49 -4.60
N TYR C 160 15.35 12.20 -3.91
CA TYR C 160 15.34 13.66 -4.00
C TYR C 160 16.63 14.26 -3.45
N LYS C 161 17.25 13.60 -2.47
CA LYS C 161 18.48 14.12 -1.89
C LYS C 161 19.60 14.14 -2.92
N ASN C 162 19.72 13.07 -3.72
CA ASN C 162 20.79 13.01 -4.71
C ASN C 162 20.61 14.07 -5.79
N LEU C 163 19.38 14.29 -6.23
CA LEU C 163 19.11 15.27 -7.27
C LEU C 163 19.05 16.68 -6.67
N GLU C 164 18.93 17.67 -7.56
CA GLU C 164 18.94 19.07 -7.14
C GLU C 164 17.57 19.51 -6.67
N GLN C 165 17.56 20.52 -5.78
CA GLN C 165 16.31 21.01 -5.22
C GLN C 165 15.51 21.83 -6.22
N ASN C 166 16.19 22.44 -7.21
CA ASN C 166 15.49 23.27 -8.18
C ASN C 166 14.46 22.49 -8.97
N ASP C 167 14.67 21.18 -9.14
CA ASP C 167 13.68 20.34 -9.79
C ASP C 167 12.42 20.28 -8.95
N ARG C 168 11.27 20.14 -9.62
CA ARG C 168 9.97 20.16 -8.96
C ARG C 168 9.14 18.94 -9.37
N PRO C 169 9.54 17.74 -8.95
CA PRO C 169 8.64 16.58 -9.11
C PRO C 169 7.66 16.51 -7.94
N ARG C 170 6.57 17.27 -8.05
CA ARG C 170 5.66 17.46 -6.93
C ARG C 170 5.10 16.12 -6.45
N ILE C 171 5.08 15.95 -5.13
CA ILE C 171 4.67 14.71 -4.50
C ILE C 171 3.37 14.94 -3.74
N LEU C 172 2.53 13.91 -3.71
CA LEU C 172 1.25 13.98 -3.02
C LEU C 172 0.94 12.62 -2.40
N GLY C 173 0.10 12.64 -1.37
CA GLY C 173 -0.29 11.43 -0.67
C GLY C 173 -1.44 11.68 0.28
N LEU C 174 -2.47 10.85 0.22
CA LEU C 174 -3.72 11.07 0.94
C LEU C 174 -3.97 9.93 1.91
N THR C 175 -4.30 10.27 3.15
CA THR C 175 -4.62 9.28 4.16
C THR C 175 -5.61 9.86 5.16
N ALA C 176 -6.34 8.97 5.84
CA ALA C 176 -7.31 9.36 6.85
C ALA C 176 -6.71 9.31 8.25
N SER C 177 -6.01 8.23 8.57
CA SER C 177 -5.33 8.07 9.84
C SER C 177 -3.83 8.21 9.62
N VAL C 178 -3.18 9.01 10.47
CA VAL C 178 -1.77 9.35 10.29
C VAL C 178 -0.86 8.45 11.12
N ILE C 179 -1.38 7.33 11.62
CA ILE C 179 -0.59 6.39 12.40
C ILE C 179 -0.75 5.01 11.80
N ASN C 180 0.22 4.14 12.05
CA ASN C 180 0.20 2.78 11.54
C ASN C 180 0.53 1.74 12.60
N SER C 181 0.55 2.13 13.87
CA SER C 181 0.87 1.20 14.96
C SER C 181 0.27 1.76 16.24
N LYS C 182 0.23 0.92 17.27
CA LYS C 182 -0.30 1.35 18.56
C LYS C 182 0.56 2.47 19.13
N CYS C 183 -0.08 3.43 19.78
CA CYS C 183 0.62 4.61 20.27
C CYS C 183 -0.18 5.23 21.40
N LYS C 184 0.49 6.08 22.16
CA LYS C 184 -0.08 6.80 23.29
C LYS C 184 -0.42 8.22 22.90
N PRO C 185 -1.33 8.89 23.63
CA PRO C 185 -1.75 10.24 23.22
C PRO C 185 -0.71 11.32 23.52
N ASN C 186 0.52 10.92 23.85
CA ASN C 186 1.60 11.85 24.08
C ASN C 186 2.68 11.80 23.02
N GLN C 187 2.54 10.94 22.00
CA GLN C 187 3.50 10.85 20.91
C GLN C 187 2.90 11.21 19.57
N VAL C 188 1.62 11.57 19.52
CA VAL C 188 0.97 11.86 18.25
C VAL C 188 1.55 13.13 17.63
N GLU C 189 1.87 14.13 18.45
CA GLU C 189 2.49 15.34 17.93
C GLU C 189 3.85 15.04 17.32
N LYS C 190 4.64 14.21 17.99
CA LYS C 190 5.93 13.80 17.44
C LYS C 190 5.75 13.06 16.12
N LYS C 191 4.76 12.16 16.06
CA LYS C 191 4.53 11.40 14.84
C LYS C 191 4.14 12.31 13.68
N ILE C 192 3.23 13.25 13.91
CA ILE C 192 2.80 14.12 12.82
C ILE C 192 3.92 15.05 12.39
N LYS C 193 4.72 15.53 13.35
CA LYS C 193 5.86 16.37 12.98
C LYS C 193 6.87 15.59 12.13
N GLU C 194 7.15 14.34 12.52
CA GLU C 194 8.08 13.52 11.75
C GLU C 194 7.55 13.26 10.35
N LEU C 195 6.27 12.94 10.22
CA LEU C 195 5.71 12.65 8.89
C LEU C 195 5.70 13.89 8.01
N GLU C 196 5.33 15.05 8.58
CA GLU C 196 5.32 16.27 7.78
C GLU C 196 6.73 16.73 7.44
N ALA C 197 7.74 16.37 8.24
CA ALA C 197 9.11 16.69 7.88
C ALA C 197 9.66 15.76 6.81
N THR C 198 9.27 14.48 6.83
CA THR C 198 9.85 13.51 5.91
C THR C 198 9.49 13.81 4.45
N LEU C 199 8.23 14.13 4.18
CA LEU C 199 7.78 14.34 2.80
C LEU C 199 7.83 15.79 2.36
N ASN C 200 8.35 16.69 3.20
CA ASN C 200 8.54 18.10 2.83
C ASN C 200 7.23 18.75 2.38
N SER C 201 6.17 18.51 3.15
CA SER C 201 4.86 19.05 2.80
C SER C 201 4.07 19.31 4.08
N ARG C 202 3.22 20.34 4.02
CA ARG C 202 2.32 20.63 5.13
C ARG C 202 1.08 19.76 5.04
N VAL C 203 0.34 19.71 6.15
CA VAL C 203 -0.88 18.91 6.25
C VAL C 203 -2.04 19.83 6.60
N VAL C 204 -3.14 19.71 5.84
CA VAL C 204 -4.34 20.49 6.08
C VAL C 204 -5.53 19.55 6.15
N THR C 205 -6.61 20.04 6.77
CA THR C 205 -7.86 19.31 6.90
C THR C 205 -9.00 20.32 6.91
N ALA C 206 -10.10 19.97 6.24
CA ALA C 206 -11.24 20.86 6.13
C ALA C 206 -11.77 21.26 7.50
N SER C 207 -11.82 22.57 7.75
CA SER C 207 -12.33 23.06 9.02
C SER C 207 -13.82 22.78 9.17
N ASP C 208 -14.58 22.93 8.10
CA ASP C 208 -16.02 22.70 8.10
C ASP C 208 -16.30 21.33 7.50
N LEU C 209 -17.08 20.52 8.23
CA LEU C 209 -17.36 19.14 7.86
C LEU C 209 -18.87 18.87 7.85
N GLU C 210 -19.63 19.73 7.17
CA GLU C 210 -21.09 19.63 7.22
C GLU C 210 -21.60 18.31 6.68
N GLU C 211 -21.44 18.06 5.38
CA GLU C 211 -21.93 16.81 4.80
C GLU C 211 -21.15 15.62 5.33
N VAL C 212 -19.85 15.80 5.58
CA VAL C 212 -19.01 14.75 6.14
C VAL C 212 -19.56 14.25 7.45
N ALA C 213 -20.04 15.15 8.32
CA ALA C 213 -20.72 14.77 9.54
C ALA C 213 -22.15 14.31 9.32
N VAL C 214 -22.81 14.79 8.26
CA VAL C 214 -24.19 14.38 8.00
C VAL C 214 -24.24 12.88 7.69
N GLN C 215 -23.52 12.45 6.65
CA GLN C 215 -23.59 11.03 6.32
C GLN C 215 -22.26 10.37 5.98
N LYS C 216 -21.17 11.12 5.77
CA LYS C 216 -19.94 10.49 5.31
C LYS C 216 -19.16 9.87 6.45
N TYR C 217 -18.69 10.69 7.39
CA TYR C 217 -17.71 10.24 8.37
C TYR C 217 -18.23 10.21 9.80
N ALA C 218 -18.73 11.35 10.29
CA ALA C 218 -19.06 11.48 11.70
C ALA C 218 -20.35 10.74 12.06
N THR C 219 -21.02 10.19 11.05
CA THR C 219 -22.20 9.36 11.29
C THR C 219 -21.95 7.94 10.78
N LYS C 220 -20.79 7.39 11.13
CA LYS C 220 -20.46 6.02 10.81
C LYS C 220 -21.50 5.08 11.41
N PRO C 221 -21.55 3.83 10.95
CA PRO C 221 -22.53 2.88 11.49
C PRO C 221 -22.44 2.77 13.00
N LYS C 222 -23.60 2.71 13.65
CA LYS C 222 -23.65 2.65 15.10
C LYS C 222 -23.05 1.34 15.61
N GLU C 223 -22.22 1.44 16.63
CA GLU C 223 -21.47 0.30 17.15
C GLU C 223 -22.35 -0.46 18.14
N ILE C 224 -22.95 -1.55 17.66
CA ILE C 224 -23.74 -2.44 18.53
C ILE C 224 -22.76 -3.45 19.09
N ILE C 225 -22.10 -3.08 20.19
CA ILE C 225 -21.13 -3.97 20.81
C ILE C 225 -21.86 -5.16 21.39
N VAL C 226 -21.59 -6.34 20.85
CA VAL C 226 -22.23 -7.57 21.28
C VAL C 226 -21.15 -8.54 21.74
N SER C 227 -21.35 -9.14 22.92
CA SER C 227 -20.40 -10.06 23.51
C SER C 227 -20.85 -11.49 23.34
N TYR C 228 -20.03 -12.42 23.80
CA TYR C 228 -20.34 -13.84 23.74
C TYR C 228 -19.44 -14.57 24.71
N ASN C 229 -19.47 -15.90 24.65
CA ASN C 229 -18.74 -16.77 25.56
C ASN C 229 -17.83 -17.71 24.79
N SER C 230 -17.17 -17.20 23.75
CA SER C 230 -16.33 -18.04 22.90
C SER C 230 -15.08 -18.54 23.64
N ASP C 231 -14.70 -17.89 24.74
CA ASP C 231 -13.52 -18.31 25.47
C ASP C 231 -13.70 -19.65 26.17
N ARG C 232 -14.92 -20.16 26.25
CA ARG C 232 -15.17 -21.47 26.84
C ARG C 232 -14.61 -22.58 25.95
N SER C 339 -21.65 -27.88 11.31
CA SER C 339 -20.33 -27.45 11.74
C SER C 339 -20.39 -26.18 12.58
N VAL C 340 -21.55 -25.53 12.56
CA VAL C 340 -21.71 -24.27 13.29
C VAL C 340 -21.66 -24.50 14.79
N GLU C 341 -22.30 -25.57 15.28
CA GLU C 341 -22.40 -25.79 16.72
C GLU C 341 -21.13 -26.37 17.32
N PHE C 342 -20.22 -26.90 16.50
CA PHE C 342 -18.99 -27.49 17.01
C PHE C 342 -17.86 -26.48 17.11
N VAL C 343 -17.71 -25.62 16.11
CA VAL C 343 -16.72 -24.54 16.15
C VAL C 343 -17.21 -23.49 17.14
N SER C 344 -16.34 -22.52 17.44
CA SER C 344 -16.62 -21.56 18.50
C SER C 344 -17.94 -20.83 18.25
N PRO C 345 -18.70 -20.51 19.29
CA PRO C 345 -20.04 -19.92 19.09
C PRO C 345 -20.04 -18.56 18.43
N LYS C 346 -18.90 -18.03 18.01
CA LYS C 346 -18.88 -16.79 17.25
C LYS C 346 -19.71 -16.91 15.98
N VAL C 347 -19.66 -18.09 15.34
CA VAL C 347 -20.46 -18.32 14.14
C VAL C 347 -21.95 -18.29 14.49
N LYS C 348 -22.32 -18.82 15.65
CA LYS C 348 -23.71 -18.72 16.10
C LYS C 348 -24.10 -17.28 16.36
N LYS C 349 -23.18 -16.47 16.89
CA LYS C 349 -23.46 -15.04 17.05
C LYS C 349 -23.68 -14.37 15.70
N LEU C 350 -22.88 -14.73 14.70
CA LEU C 350 -23.12 -14.21 13.35
C LEU C 350 -24.49 -14.63 12.84
N LEU C 351 -24.87 -15.89 13.07
CA LEU C 351 -26.17 -16.36 12.62
C LEU C 351 -27.30 -15.58 13.28
N GLU C 352 -27.18 -15.34 14.58
CA GLU C 352 -28.21 -14.58 15.29
C GLU C 352 -28.26 -13.13 14.80
N ILE C 353 -27.11 -12.50 14.58
CA ILE C 353 -27.14 -11.12 14.13
C ILE C 353 -27.64 -11.01 12.70
N LEU C 354 -27.40 -12.04 11.87
CA LEU C 354 -27.95 -12.04 10.52
C LEU C 354 -29.45 -12.28 10.53
N LYS C 355 -29.94 -13.10 11.47
CA LYS C 355 -31.38 -13.22 11.66
C LYS C 355 -31.99 -11.89 12.10
N GLN C 356 -31.28 -11.16 12.95
CA GLN C 356 -31.71 -9.82 13.32
C GLN C 356 -31.74 -8.89 12.10
N TYR C 357 -30.73 -9.02 11.23
CA TYR C 357 -30.69 -8.26 9.97
C TYR C 357 -31.91 -8.57 9.11
N PHE C 358 -32.25 -9.86 9.01
CA PHE C 358 -33.44 -10.24 8.25
C PHE C 358 -34.71 -9.67 8.87
N SER C 359 -34.79 -9.71 10.21
CA SER C 359 -35.95 -9.13 10.89
C SER C 359 -36.05 -7.63 10.64
N ASN C 360 -34.91 -6.95 10.52
CA ASN C 360 -34.93 -5.51 10.26
C ASN C 360 -35.30 -5.23 8.81
N ASN C 361 -34.80 -6.04 7.87
CA ASN C 361 -34.93 -5.77 6.44
C ASN C 361 -35.82 -6.80 5.76
N ASN C 362 -36.86 -7.28 6.45
CA ASN C 362 -37.89 -8.11 5.82
C ASN C 362 -38.34 -7.56 4.47
N ASN C 363 -38.40 -6.24 4.31
CA ASN C 363 -38.75 -5.68 3.01
C ASN C 363 -37.74 -6.07 1.94
N SER C 364 -36.45 -5.99 2.27
CA SER C 364 -35.39 -6.49 1.39
C SER C 364 -34.97 -7.90 1.81
N SER C 365 -35.96 -8.80 1.81
CA SER C 365 -35.75 -10.15 2.32
C SER C 365 -34.79 -10.97 1.45
N LYS C 366 -34.47 -10.51 0.25
CA LYS C 366 -33.61 -11.30 -0.62
C LYS C 366 -32.14 -11.17 -0.21
N GLU C 367 -31.58 -9.96 -0.30
CA GLU C 367 -30.16 -9.76 -0.05
C GLU C 367 -29.93 -8.32 0.39
N LEU C 368 -28.67 -8.03 0.71
CA LEU C 368 -28.20 -6.68 0.98
C LEU C 368 -26.72 -6.61 0.60
N CYS C 369 -26.04 -5.58 1.07
CA CYS C 369 -24.63 -5.34 0.72
C CYS C 369 -23.71 -5.55 1.91
N GLY C 370 -23.96 -6.60 2.68
CA GLY C 370 -23.12 -6.87 3.85
C GLY C 370 -21.71 -7.24 3.46
N ILE C 371 -20.75 -6.76 4.25
CA ILE C 371 -19.32 -6.99 4.01
C ILE C 371 -18.70 -7.52 5.30
N ILE C 372 -17.93 -8.60 5.18
CA ILE C 372 -17.28 -9.23 6.32
C ILE C 372 -15.78 -8.99 6.20
N PHE C 373 -15.18 -8.42 7.24
CA PHE C 373 -13.74 -8.20 7.30
C PHE C 373 -13.11 -9.28 8.18
N VAL C 374 -12.02 -9.87 7.69
CA VAL C 374 -11.28 -10.88 8.43
C VAL C 374 -9.81 -10.50 8.39
N GLU C 375 -9.01 -11.17 9.23
CA GLU C 375 -7.57 -10.97 9.24
C GLU C 375 -6.78 -12.20 8.81
N ARG C 376 -7.42 -13.37 8.75
CA ARG C 376 -6.76 -14.59 8.30
C ARG C 376 -7.54 -15.18 7.13
N ARG C 377 -6.82 -15.56 6.08
CA ARG C 377 -7.47 -16.04 4.86
C ARG C 377 -8.22 -17.35 5.09
N TYR C 378 -7.65 -18.23 5.92
CA TYR C 378 -8.30 -19.51 6.19
C TYR C 378 -9.65 -19.31 6.86
N THR C 379 -9.73 -18.35 7.80
CA THR C 379 -11.00 -18.06 8.45
C THR C 379 -12.04 -17.59 7.44
N ALA C 380 -11.65 -16.70 6.53
CA ALA C 380 -12.58 -16.22 5.52
C ALA C 380 -13.04 -17.35 4.61
N TYR C 381 -12.11 -18.22 4.20
CA TYR C 381 -12.47 -19.34 3.34
C TYR C 381 -13.47 -20.27 4.01
N VAL C 382 -13.19 -20.64 5.27
CA VAL C 382 -14.09 -21.54 5.99
C VAL C 382 -15.44 -20.88 6.21
N LEU C 383 -15.44 -19.58 6.53
CA LEU C 383 -16.69 -18.86 6.76
C LEU C 383 -17.55 -18.83 5.49
N TYR C 384 -16.92 -18.51 4.35
CA TYR C 384 -17.66 -18.51 3.08
C TYR C 384 -18.19 -19.90 2.77
N LYS C 385 -17.37 -20.94 2.97
CA LYS C 385 -17.83 -22.30 2.69
C LYS C 385 -19.03 -22.65 3.54
N LEU C 386 -18.99 -22.33 4.83
CA LEU C 386 -20.10 -22.66 5.72
C LEU C 386 -21.37 -21.93 5.33
N LEU C 387 -21.28 -20.62 5.05
CA LEU C 387 -22.48 -19.88 4.67
C LEU C 387 -23.02 -20.30 3.30
N ASN C 388 -22.14 -20.61 2.34
CA ASN C 388 -22.63 -21.09 1.06
C ASN C 388 -23.31 -22.45 1.21
N GLU C 389 -22.76 -23.31 2.06
CA GLU C 389 -23.40 -24.60 2.33
C GLU C 389 -24.77 -24.41 2.96
N LEU C 390 -24.88 -23.48 3.92
CA LEU C 390 -26.17 -23.23 4.56
C LEU C 390 -27.17 -22.66 3.57
N SER C 391 -26.75 -21.72 2.72
CA SER C 391 -27.66 -21.11 1.77
C SER C 391 -28.12 -22.10 0.72
N ALA C 392 -27.20 -22.92 0.20
CA ALA C 392 -27.55 -23.91 -0.81
C ALA C 392 -28.43 -25.02 -0.25
N LYS C 393 -28.43 -25.19 1.08
CA LYS C 393 -29.30 -26.18 1.70
C LYS C 393 -30.78 -25.84 1.49
N ARG C 394 -31.09 -24.57 1.23
CA ARG C 394 -32.46 -24.09 1.01
C ARG C 394 -33.31 -24.24 2.26
N ASP C 395 -32.69 -24.16 3.43
CA ASP C 395 -33.45 -24.13 4.67
C ASP C 395 -34.14 -22.79 4.84
N ASP C 396 -35.18 -22.77 5.67
CA ASP C 396 -35.93 -21.55 5.89
C ASP C 396 -35.06 -20.46 6.51
N ASP C 397 -34.19 -20.84 7.45
CA ASP C 397 -33.36 -19.85 8.12
C ASP C 397 -32.37 -19.19 7.16
N PHE C 398 -31.71 -19.98 6.32
CA PHE C 398 -30.65 -19.47 5.45
C PHE C 398 -30.85 -20.04 4.05
N SER C 399 -31.37 -19.21 3.14
CA SER C 399 -31.59 -19.66 1.77
C SER C 399 -31.19 -18.65 0.70
N PHE C 400 -30.96 -17.38 1.04
CA PHE C 400 -30.74 -16.32 0.06
C PHE C 400 -29.43 -15.59 0.33
N ILE C 401 -28.35 -16.34 0.53
CA ILE C 401 -27.04 -15.78 0.83
C ILE C 401 -26.05 -16.25 -0.22
N LYS C 402 -25.32 -15.31 -0.81
CA LYS C 402 -24.26 -15.61 -1.76
C LYS C 402 -23.04 -14.78 -1.44
N CYS C 403 -21.87 -15.43 -1.33
CA CYS C 403 -20.63 -14.75 -0.99
C CYS C 403 -19.53 -15.23 -1.91
N ASP C 404 -18.51 -14.38 -2.08
CA ASP C 404 -17.40 -14.70 -2.97
C ASP C 404 -16.11 -14.11 -2.42
N PHE C 405 -14.99 -14.68 -2.87
CA PHE C 405 -13.67 -14.24 -2.46
C PHE C 405 -13.29 -12.91 -3.10
N VAL C 406 -12.50 -12.12 -2.39
CA VAL C 406 -11.91 -10.89 -2.93
C VAL C 406 -10.41 -10.80 -2.67
N VAL C 407 -9.88 -11.58 -1.74
CA VAL C 407 -8.53 -11.38 -1.24
C VAL C 407 -7.67 -12.61 -1.53
N GLY C 408 -6.36 -12.42 -1.38
CA GLY C 408 -5.40 -13.49 -1.45
C GLY C 408 -4.21 -13.17 -2.34
N HIS C 409 -4.48 -12.55 -3.49
CA HIS C 409 -3.45 -12.05 -4.40
C HIS C 409 -2.54 -13.17 -4.90
N ASN C 410 -1.72 -12.90 -5.92
CA ASN C 410 -0.96 -13.97 -6.57
C ASN C 410 -0.07 -14.72 -5.60
N SER C 411 0.34 -14.07 -4.50
CA SER C 411 1.11 -14.69 -3.42
C SER C 411 2.49 -15.13 -3.89
N SER C 412 2.53 -16.21 -4.65
CA SER C 412 3.79 -16.74 -5.17
C SER C 412 3.51 -17.65 -6.35
N PRO C 413 4.33 -17.60 -7.41
CA PRO C 413 4.07 -18.46 -8.57
C PRO C 413 4.13 -19.95 -8.24
N SER C 414 5.17 -20.39 -7.53
CA SER C 414 5.34 -21.81 -7.25
C SER C 414 5.87 -22.12 -5.86
N SER C 415 6.00 -21.14 -4.97
CA SER C 415 6.69 -21.32 -3.69
C SER C 415 5.67 -21.38 -2.55
N LYS C 416 5.17 -22.58 -2.27
CA LYS C 416 4.45 -22.90 -1.03
C LYS C 416 3.23 -22.00 -0.83
N GLU C 417 2.26 -22.17 -1.73
CA GLU C 417 0.98 -21.49 -1.58
C GLU C 417 -0.11 -22.31 -2.28
N LYS C 418 -1.36 -22.02 -1.91
CA LYS C 418 -2.50 -22.77 -2.42
C LYS C 418 -3.65 -21.91 -2.92
N SER C 419 -3.71 -20.62 -2.55
CA SER C 419 -4.87 -19.80 -2.92
C SER C 419 -5.02 -19.71 -4.43
N THR C 420 -3.95 -19.41 -5.14
CA THR C 420 -3.92 -19.35 -6.61
C THR C 420 -5.02 -18.42 -7.14
N GLU C 421 -4.89 -17.14 -6.79
CA GLU C 421 -5.83 -16.11 -7.22
C GLU C 421 -5.55 -15.65 -8.66
N MET C 422 -4.42 -16.07 -9.24
CA MET C 422 -3.96 -15.72 -10.59
C MET C 422 -4.14 -14.24 -10.90
N ASN C 423 -4.51 -13.92 -12.14
CA ASN C 423 -4.51 -12.55 -12.63
C ASN C 423 -5.56 -11.71 -11.90
N SER C 424 -5.53 -10.40 -12.15
CA SER C 424 -6.50 -9.49 -11.58
C SER C 424 -7.86 -9.59 -12.26
N LYS C 425 -7.99 -10.43 -13.28
CA LYS C 425 -9.28 -10.61 -13.95
C LYS C 425 -10.33 -11.14 -12.98
N LYS C 426 -9.94 -12.07 -12.11
CA LYS C 426 -10.87 -12.61 -11.13
C LYS C 426 -11.38 -11.51 -10.20
N GLN C 427 -10.48 -10.67 -9.70
CA GLN C 427 -10.91 -9.57 -8.85
C GLN C 427 -11.81 -8.60 -9.60
N LYS C 428 -11.46 -8.28 -10.84
CA LYS C 428 -12.27 -7.37 -11.63
C LYS C 428 -13.68 -7.91 -11.82
N GLU C 429 -13.80 -9.19 -12.16
CA GLU C 429 -15.11 -9.77 -12.43
C GLU C 429 -15.92 -9.91 -11.14
N VAL C 430 -15.29 -10.26 -10.03
CA VAL C 430 -16.04 -10.39 -8.78
C VAL C 430 -16.52 -9.02 -8.30
N LEU C 431 -15.70 -7.98 -8.48
CA LEU C 431 -16.15 -6.64 -8.11
C LEU C 431 -17.27 -6.16 -9.04
N LYS C 432 -17.18 -6.49 -10.32
CA LYS C 432 -18.26 -6.14 -11.24
C LYS C 432 -19.57 -6.84 -10.87
N LYS C 433 -19.49 -8.12 -10.51
CA LYS C 433 -20.70 -8.85 -10.16
C LYS C 433 -21.28 -8.36 -8.83
N PHE C 434 -20.42 -7.88 -7.91
CA PHE C 434 -20.96 -7.21 -6.73
C PHE C 434 -21.62 -5.89 -7.09
N ARG C 435 -20.99 -5.10 -7.96
CA ARG C 435 -21.55 -3.80 -8.33
C ARG C 435 -22.89 -3.96 -9.03
N LYS C 436 -23.08 -5.05 -9.77
CA LYS C 436 -24.34 -5.32 -10.43
C LYS C 436 -25.36 -6.01 -9.53
N GLY C 437 -25.00 -6.32 -8.29
CA GLY C 437 -25.90 -6.98 -7.38
C GLY C 437 -25.89 -8.49 -7.44
N GLU C 438 -25.12 -9.09 -8.36
CA GLU C 438 -25.02 -10.54 -8.41
C GLU C 438 -24.36 -11.10 -7.15
N CYS C 439 -23.32 -10.42 -6.66
CA CYS C 439 -22.69 -10.77 -5.39
C CYS C 439 -23.15 -9.79 -4.32
N ASN C 440 -23.55 -10.32 -3.17
CA ASN C 440 -24.15 -9.49 -2.13
C ASN C 440 -23.54 -9.66 -0.75
N LEU C 441 -22.92 -10.80 -0.44
CA LEU C 441 -22.13 -10.97 0.77
C LEU C 441 -20.67 -11.07 0.38
N LEU C 442 -19.79 -10.56 1.24
CA LEU C 442 -18.38 -10.46 0.90
C LEU C 442 -17.50 -10.82 2.08
N VAL C 443 -16.46 -11.59 1.82
CA VAL C 443 -15.44 -11.92 2.82
C VAL C 443 -14.07 -11.65 2.21
N ALA C 444 -13.20 -10.98 2.98
CA ALA C 444 -11.87 -10.65 2.51
C ALA C 444 -11.01 -10.34 3.73
N THR C 445 -9.69 -10.29 3.51
CA THR C 445 -8.75 -10.11 4.62
C THR C 445 -8.03 -8.77 4.58
N SER C 446 -7.34 -8.44 3.49
CA SER C 446 -6.49 -7.25 3.53
C SER C 446 -6.44 -6.45 2.23
N VAL C 447 -7.51 -6.44 1.43
CA VAL C 447 -7.54 -5.63 0.21
C VAL C 447 -8.74 -4.72 0.13
N VAL C 448 -9.74 -4.87 1.01
CA VAL C 448 -10.94 -4.07 0.94
C VAL C 448 -11.07 -3.13 2.14
N GLU C 449 -9.95 -2.78 2.77
CA GLU C 449 -9.99 -1.83 3.87
C GLU C 449 -10.15 -0.40 3.35
N GLU C 450 -9.55 -0.10 2.20
CA GLU C 450 -9.68 1.21 1.57
C GLU C 450 -9.68 1.03 0.06
N GLY C 451 -10.27 2.01 -0.63
CA GLY C 451 -10.34 1.98 -2.08
C GLY C 451 -11.52 1.26 -2.65
N ILE C 452 -12.34 0.61 -1.82
CA ILE C 452 -13.53 -0.09 -2.28
C ILE C 452 -14.72 0.81 -2.01
N ASP C 453 -15.49 1.11 -3.07
CA ASP C 453 -16.60 2.04 -2.97
C ASP C 453 -17.88 1.37 -3.49
N ILE C 454 -18.93 1.43 -2.69
CA ILE C 454 -20.27 1.02 -3.09
C ILE C 454 -21.21 2.15 -2.73
N PRO C 455 -21.98 2.69 -3.68
CA PRO C 455 -22.82 3.86 -3.39
C PRO C 455 -23.89 3.60 -2.35
N LYS C 456 -24.28 2.33 -2.18
CA LYS C 456 -25.33 1.95 -1.23
C LYS C 456 -24.83 0.79 -0.39
N CYS C 457 -24.42 1.09 0.84
CA CYS C 457 -23.99 0.06 1.79
C CYS C 457 -24.34 0.53 3.19
N ASN C 458 -24.97 -0.33 3.98
CA ASN C 458 -25.41 0.04 5.30
C ASN C 458 -25.23 -1.08 6.32
N LEU C 459 -24.18 -1.89 6.17
CA LEU C 459 -23.90 -2.94 7.14
C LEU C 459 -22.46 -3.41 6.97
N VAL C 460 -21.65 -3.30 8.02
CA VAL C 460 -20.30 -3.82 8.04
C VAL C 460 -20.13 -4.66 9.30
N VAL C 461 -19.68 -5.90 9.13
CA VAL C 461 -19.51 -6.84 10.23
C VAL C 461 -18.02 -6.97 10.51
N ARG C 462 -17.60 -6.54 11.70
CA ARG C 462 -16.21 -6.67 12.12
C ARG C 462 -16.05 -7.99 12.86
N PHE C 463 -15.87 -9.06 12.07
CA PHE C 463 -15.72 -10.39 12.64
C PHE C 463 -14.50 -10.48 13.54
N ASP C 464 -13.40 -9.86 13.13
CA ASP C 464 -12.15 -9.87 13.89
C ASP C 464 -11.82 -8.48 14.38
N LEU C 465 -11.27 -8.41 15.58
CA LEU C 465 -11.02 -7.13 16.24
C LEU C 465 -9.91 -6.35 15.53
N PRO C 466 -9.98 -5.02 15.57
CA PRO C 466 -8.89 -4.22 15.01
C PRO C 466 -7.64 -4.31 15.86
N LYS C 467 -6.49 -4.08 15.24
CA LYS C 467 -5.21 -4.20 15.91
C LYS C 467 -4.60 -2.86 16.32
N ASN C 468 -5.05 -1.77 15.72
CA ASN C 468 -4.49 -0.44 16.02
C ASN C 468 -5.54 0.61 15.70
N PHE C 469 -5.12 1.87 15.70
CA PHE C 469 -6.04 2.97 15.44
C PHE C 469 -6.42 3.03 13.96
N ARG C 470 -5.43 2.91 13.08
CA ARG C 470 -5.66 3.12 11.64
C ARG C 470 -6.65 2.10 11.10
N SER C 471 -6.49 0.83 11.47
CA SER C 471 -7.41 -0.20 11.00
C SER C 471 -8.82 0.08 11.48
N TYR C 472 -8.96 0.51 12.75
CA TYR C 472 -10.29 0.78 13.30
C TYR C 472 -10.97 1.91 12.55
N VAL C 473 -10.23 2.97 12.23
CA VAL C 473 -10.86 4.07 11.49
C VAL C 473 -11.18 3.66 10.06
N GLN C 474 -10.28 2.92 9.41
CA GLN C 474 -10.45 2.61 7.99
C GLN C 474 -11.58 1.62 7.76
N SER C 475 -11.64 0.55 8.56
CA SER C 475 -12.61 -0.52 8.34
C SER C 475 -13.95 -0.24 9.01
N LYS C 476 -14.26 1.01 9.30
CA LYS C 476 -15.50 1.38 9.97
C LYS C 476 -16.46 2.18 9.10
N GLY C 477 -15.95 2.93 8.12
CA GLY C 477 -16.79 3.78 7.31
C GLY C 477 -17.13 3.21 5.94
N ARG C 478 -16.97 1.89 5.79
CA ARG C 478 -17.26 1.26 4.50
C ARG C 478 -18.74 1.42 4.14
N ALA C 479 -19.63 1.25 5.12
CA ALA C 479 -21.04 1.51 4.88
C ALA C 479 -21.26 3.00 4.64
N ARG C 480 -22.17 3.30 3.71
CA ARG C 480 -22.42 4.68 3.33
C ARG C 480 -23.91 5.04 3.25
N ALA C 481 -24.80 4.07 3.35
CA ALA C 481 -26.24 4.34 3.25
C ALA C 481 -26.79 4.75 4.61
N LYS C 482 -28.10 4.92 4.67
CA LYS C 482 -28.78 5.28 5.90
C LYS C 482 -28.74 4.11 6.89
N ASN C 483 -29.04 4.42 8.15
CA ASN C 483 -29.20 3.48 9.27
C ASN C 483 -28.22 2.32 9.22
N SER C 484 -26.96 2.62 8.90
CA SER C 484 -25.96 1.59 8.73
C SER C 484 -25.65 0.88 10.05
N LYS C 485 -25.22 -0.37 9.95
CA LYS C 485 -25.00 -1.23 11.10
C LYS C 485 -23.52 -1.53 11.25
N TYR C 486 -22.98 -1.32 12.45
CA TYR C 486 -21.61 -1.68 12.80
C TYR C 486 -21.68 -2.75 13.87
N ILE C 487 -21.05 -3.90 13.60
CA ILE C 487 -21.12 -5.06 14.48
C ILE C 487 -19.70 -5.46 14.87
N ILE C 488 -19.48 -5.65 16.16
CA ILE C 488 -18.16 -5.99 16.70
C ILE C 488 -18.30 -7.27 17.52
N MET C 489 -17.34 -8.18 17.34
CA MET C 489 -17.29 -9.43 18.09
C MET C 489 -16.26 -9.29 19.21
N VAL C 490 -16.73 -9.27 20.45
CA VAL C 490 -15.86 -9.14 21.61
C VAL C 490 -16.19 -10.24 22.61
N GLU C 491 -15.22 -10.59 23.44
CA GLU C 491 -15.42 -11.61 24.46
C GLU C 491 -15.69 -10.97 25.82
N GLU C 492 -16.33 -11.76 26.70
CA GLU C 492 -16.69 -11.25 28.00
C GLU C 492 -15.47 -10.99 28.88
N ASP C 493 -14.49 -11.90 28.88
CA ASP C 493 -13.32 -11.72 29.71
C ASP C 493 -12.49 -10.52 29.27
N GLU C 494 -12.38 -10.31 27.97
CA GLU C 494 -11.63 -9.19 27.41
C GLU C 494 -12.48 -7.96 27.20
N LYS C 495 -13.73 -7.96 27.68
CA LYS C 495 -14.63 -6.84 27.45
C LYS C 495 -14.11 -5.57 28.09
N ASN C 496 -13.58 -5.67 29.31
CA ASN C 496 -13.07 -4.48 30.00
C ASN C 496 -11.88 -3.88 29.26
N LYS C 497 -10.93 -4.73 28.86
CA LYS C 497 -9.76 -4.26 28.14
C LYS C 497 -10.17 -3.64 26.80
N PHE C 498 -11.10 -4.27 26.10
CA PHE C 498 -11.55 -3.70 24.83
C PHE C 498 -12.30 -2.39 25.02
N GLN C 499 -13.09 -2.27 26.09
CA GLN C 499 -13.79 -1.02 26.35
C GLN C 499 -12.81 0.11 26.64
N GLU C 500 -11.80 -0.15 27.48
CA GLU C 500 -10.83 0.90 27.75
C GLU C 500 -10.01 1.22 26.50
N ASP C 501 -9.71 0.22 25.68
CA ASP C 501 -9.01 0.49 24.43
C ASP C 501 -9.86 1.33 23.50
N LEU C 502 -11.16 1.06 23.44
CA LEU C 502 -12.06 1.86 22.61
C LEU C 502 -12.15 3.30 23.12
N ASN C 503 -12.17 3.48 24.44
CA ASN C 503 -12.13 4.82 25.00
C ASN C 503 -10.84 5.53 24.62
N GLN C 504 -9.72 4.81 24.65
CA GLN C 504 -8.44 5.38 24.22
C GLN C 504 -8.49 5.79 22.75
N TYR C 505 -9.08 4.95 21.90
CA TYR C 505 -9.20 5.28 20.48
C TYR C 505 -10.07 6.51 20.27
N GLN C 506 -11.17 6.60 21.02
CA GLN C 506 -12.03 7.78 20.93
C GLN C 506 -11.28 9.04 21.34
N GLU C 507 -10.51 8.95 22.43
CA GLU C 507 -9.73 10.10 22.86
C GLU C 507 -8.67 10.47 21.83
N ILE C 508 -8.05 9.46 21.21
CA ILE C 508 -7.06 9.73 20.16
C ILE C 508 -7.71 10.47 19.00
N GLU C 509 -8.88 10.02 18.58
CA GLU C 509 -9.58 10.71 17.50
C GLU C 509 -9.95 12.13 17.90
N LYS C 510 -10.40 12.32 19.15
CA LYS C 510 -10.79 13.65 19.61
C LYS C 510 -9.61 14.60 19.60
N ILE C 511 -8.46 14.16 20.14
CA ILE C 511 -7.30 15.03 20.15
C ILE C 511 -6.78 15.25 18.73
N LEU C 512 -6.87 14.24 17.87
CA LEU C 512 -6.41 14.38 16.49
C LEU C 512 -7.23 15.41 15.74
N LEU C 513 -8.55 15.39 15.91
CA LEU C 513 -9.38 16.42 15.29
C LEU C 513 -9.22 17.77 15.99
N ARG C 514 -8.81 17.78 17.26
CA ARG C 514 -8.51 19.03 17.93
C ARG C 514 -7.27 19.69 17.32
N LEU C 515 -6.24 18.90 17.01
CA LEU C 515 -5.01 19.43 16.43
C LEU C 515 -5.11 19.59 14.91
N CYS C 516 -6.32 19.69 14.37
CA CYS C 516 -6.52 19.84 12.93
C CYS C 516 -6.09 21.21 12.41
N HIS C 517 -5.52 22.07 13.25
CA HIS C 517 -5.07 23.37 12.80
C HIS C 517 -3.88 23.22 11.86
N ASN C 518 -3.65 24.26 11.06
CA ASN C 518 -2.59 24.22 10.05
C ASN C 518 -1.22 24.10 10.70
N ARG C 519 -0.40 23.21 10.17
CA ARG C 519 0.97 23.01 10.64
C ARG C 519 1.91 23.17 9.46
N ASP C 520 2.73 24.22 9.49
CA ASP C 520 3.69 24.49 8.43
C ASP C 520 5.00 23.79 8.74
N ALA C 521 6.01 24.02 7.89
CA ALA C 521 7.36 23.46 8.09
C ALA C 521 8.38 24.58 7.94
N PRO C 522 8.44 25.50 8.90
CA PRO C 522 9.44 26.58 8.81
C PRO C 522 10.87 26.09 8.84
N SER C 523 11.14 24.98 9.52
CA SER C 523 12.49 24.44 9.65
C SER C 523 12.70 23.35 8.60
N GLU C 524 13.36 23.71 7.51
CA GLU C 524 13.71 22.74 6.47
C GLU C 524 14.90 21.88 6.85
N GLU C 525 15.57 22.18 7.97
CA GLU C 525 16.71 21.38 8.41
C GLU C 525 16.33 19.94 8.71
N ASP C 526 15.05 19.68 9.01
CA ASP C 526 14.62 18.31 9.28
C ASP C 526 14.79 17.43 8.04
N PHE C 527 14.54 17.98 6.85
CA PHE C 527 14.77 17.23 5.63
C PHE C 527 16.24 16.87 5.47
N ASP C 528 17.14 17.81 5.78
CA ASP C 528 18.57 17.51 5.78
C ASP C 528 18.96 16.55 6.90
N SER C 529 18.12 16.43 7.93
CA SER C 529 18.40 15.58 9.07
C SER C 529 18.12 14.10 8.81
N PHE C 530 17.97 13.69 7.55
CA PHE C 530 17.75 12.30 7.24
C PHE C 530 18.99 11.48 7.59
N GLU C 531 18.76 10.31 8.18
CA GLU C 531 19.85 9.45 8.65
C GLU C 531 20.46 8.75 7.45
N ASP C 532 21.47 9.39 6.86
CA ASP C 532 22.18 8.79 5.73
C ASP C 532 22.96 7.56 6.16
N GLU C 533 23.04 6.59 5.26
CA GLU C 533 23.76 5.36 5.56
C GLU C 533 25.24 5.61 5.73
N LEU C 534 25.90 4.76 6.51
CA LEU C 534 27.31 4.92 6.82
C LEU C 534 28.22 4.68 5.63
N LEU C 535 27.72 4.09 4.55
CA LEU C 535 28.54 3.80 3.39
C LEU C 535 27.83 4.29 2.12
N PRO C 536 28.59 4.79 1.15
CA PRO C 536 27.98 5.25 -0.10
C PRO C 536 27.91 4.13 -1.13
N PRO C 537 26.90 4.14 -1.99
CA PRO C 537 26.78 3.10 -3.01
C PRO C 537 27.48 3.49 -4.30
N TYR C 538 27.57 2.52 -5.21
CA TYR C 538 28.22 2.76 -6.50
C TYR C 538 27.37 3.63 -7.40
N MET C 539 28.03 4.42 -8.23
CA MET C 539 27.36 5.36 -9.11
C MET C 539 28.32 5.79 -10.21
N PRO C 540 28.55 4.92 -11.22
CA PRO C 540 29.62 5.19 -12.19
C PRO C 540 29.37 6.38 -13.10
N TYR C 541 28.13 6.85 -13.23
CA TYR C 541 27.81 7.92 -14.17
C TYR C 541 27.26 9.16 -13.47
N GLY C 542 27.55 9.32 -12.19
CA GLY C 542 27.12 10.51 -11.48
C GLY C 542 25.62 10.51 -11.21
N THR C 543 25.14 11.69 -10.78
CA THR C 543 23.74 11.85 -10.44
C THR C 543 22.82 11.68 -11.64
N ASP C 544 23.34 11.80 -12.86
CA ASP C 544 22.54 11.66 -14.05
C ASP C 544 22.48 10.23 -14.58
N GLY C 545 23.24 9.31 -14.00
CA GLY C 545 23.29 7.94 -14.46
C GLY C 545 22.50 6.99 -13.60
N PRO C 546 22.85 5.70 -13.67
CA PRO C 546 22.13 4.66 -12.90
C PRO C 546 22.51 4.67 -11.41
N ARG C 547 21.85 5.54 -10.66
CA ARG C 547 22.13 5.72 -9.24
C ARG C 547 21.68 4.48 -8.48
N VAL C 548 22.64 3.61 -8.13
CA VAL C 548 22.31 2.44 -7.33
C VAL C 548 22.05 2.86 -5.90
N THR C 549 20.96 2.37 -5.33
CA THR C 549 20.62 2.68 -3.94
C THR C 549 21.26 1.66 -3.01
N MET C 550 21.50 2.10 -1.77
CA MET C 550 22.08 1.20 -0.78
C MET C 550 21.13 0.07 -0.42
N SER C 551 19.84 0.24 -0.68
CA SER C 551 18.84 -0.77 -0.36
C SER C 551 18.54 -1.70 -1.53
N SER C 552 19.16 -1.49 -2.69
CA SER C 552 18.95 -2.35 -3.85
C SER C 552 20.06 -3.38 -4.01
N ALA C 553 21.07 -3.36 -3.15
CA ALA C 553 22.09 -4.40 -3.19
C ALA C 553 21.48 -5.76 -2.90
N ILE C 554 20.52 -5.82 -1.98
CA ILE C 554 19.83 -7.07 -1.69
C ILE C 554 19.04 -7.54 -2.92
N SER C 555 18.35 -6.59 -3.58
CA SER C 555 17.60 -6.95 -4.79
C SER C 555 18.53 -7.52 -5.85
N LEU C 556 19.70 -6.91 -6.02
CA LEU C 556 20.67 -7.43 -6.98
C LEU C 556 21.16 -8.81 -6.58
N LEU C 557 21.43 -9.03 -5.29
CA LEU C 557 21.96 -10.31 -4.84
C LEU C 557 20.91 -11.41 -4.77
N HIS C 558 19.63 -11.08 -4.93
CA HIS C 558 18.58 -12.08 -4.86
C HIS C 558 18.86 -13.27 -5.78
N ARG C 559 19.35 -13.00 -6.98
CA ARG C 559 19.37 -14.00 -8.05
C ARG C 559 20.75 -14.19 -8.65
N TYR C 560 21.76 -14.47 -7.81
CA TYR C 560 23.11 -14.71 -8.29
C TYR C 560 23.10 -15.67 -9.50
N CYS C 561 23.52 -15.14 -10.64
CA CYS C 561 23.70 -15.93 -11.86
C CYS C 561 22.45 -16.72 -12.25
N SER C 562 21.28 -16.31 -11.76
CA SER C 562 20.05 -16.94 -12.18
C SER C 562 19.78 -16.71 -13.66
N LYS C 563 20.25 -15.58 -14.19
CA LYS C 563 20.21 -15.35 -15.62
C LYS C 563 21.11 -16.35 -16.33
N LEU C 564 20.78 -16.63 -17.61
CA LEU C 564 21.50 -17.58 -18.45
C LEU C 564 21.31 -18.99 -17.89
N PRO C 565 21.71 -20.05 -18.64
CA PRO C 565 21.58 -21.41 -18.09
C PRO C 565 22.18 -21.58 -16.71
N SER C 566 21.33 -21.89 -15.74
CA SER C 566 21.76 -22.04 -14.35
C SER C 566 20.77 -22.96 -13.64
N ASP C 567 21.18 -23.44 -12.47
CA ASP C 567 20.34 -24.34 -11.69
C ASP C 567 19.09 -23.61 -11.19
N ARG C 568 18.01 -24.37 -11.07
CA ARG C 568 16.75 -23.86 -10.55
C ARG C 568 16.63 -24.05 -9.05
N PHE C 569 17.64 -24.60 -8.39
CA PHE C 569 17.61 -24.83 -6.96
C PHE C 569 17.69 -23.50 -6.21
N THR C 570 17.65 -23.58 -4.89
CA THR C 570 17.66 -22.39 -4.04
C THR C 570 19.05 -21.76 -4.01
N THR C 571 19.50 -21.22 -5.15
CA THR C 571 20.74 -20.48 -5.21
C THR C 571 20.60 -19.06 -4.66
N LEU C 572 19.38 -18.66 -4.28
CA LEU C 572 19.16 -17.30 -3.79
C LEU C 572 19.90 -17.04 -2.49
N THR C 573 20.09 -18.09 -1.68
CA THR C 573 20.74 -17.99 -0.37
C THR C 573 21.89 -18.98 -0.32
N PRO C 574 23.07 -18.61 -0.82
CA PRO C 574 24.23 -19.51 -0.79
C PRO C 574 24.94 -19.59 0.56
N LYS C 575 24.31 -19.10 1.63
CA LYS C 575 24.84 -19.14 2.99
C LYS C 575 26.01 -18.19 3.17
N PHE C 576 26.09 -17.54 4.33
CA PHE C 576 27.14 -16.60 4.65
C PHE C 576 27.65 -16.85 6.06
N THR C 577 28.89 -16.47 6.31
CA THR C 577 29.55 -16.70 7.59
C THR C 577 29.59 -15.40 8.39
N TYR C 578 29.23 -15.48 9.66
CA TYR C 578 29.23 -14.33 10.56
C TYR C 578 30.40 -14.44 11.52
N ILE C 579 31.20 -13.39 11.63
CA ILE C 579 32.36 -13.35 12.50
C ILE C 579 32.24 -12.14 13.42
N GLU C 580 32.41 -12.36 14.72
CA GLU C 580 32.29 -11.32 15.73
C GLU C 580 33.60 -11.22 16.51
N GLN C 581 33.99 -9.98 16.84
CA GLN C 581 35.19 -9.74 17.63
C GLN C 581 34.97 -8.53 18.52
N ASN C 582 35.78 -8.43 19.57
CA ASN C 582 35.67 -7.33 20.52
C ASN C 582 36.20 -6.04 19.91
N ASN C 583 35.73 -4.92 20.45
CA ASN C 583 36.15 -3.61 19.97
C ASN C 583 36.39 -2.66 21.14
N GLU C 584 36.58 -1.36 20.84
CA GLU C 584 36.92 -0.41 21.88
C GLU C 584 35.79 -0.19 22.88
N GLU C 585 34.54 -0.19 22.41
CA GLU C 585 33.39 0.01 23.28
C GLU C 585 32.71 -1.29 23.69
N GLU C 586 33.28 -2.44 23.30
CA GLU C 586 32.80 -3.77 23.67
C GLU C 586 31.36 -4.03 23.21
N ASN C 587 30.87 -3.24 22.27
CA ASN C 587 29.59 -3.52 21.64
C ASN C 587 29.71 -4.54 20.51
N LYS C 588 30.92 -5.01 20.24
CA LYS C 588 31.23 -6.03 19.24
C LYS C 588 30.98 -5.53 17.82
N MET C 589 31.75 -6.04 16.87
CA MET C 589 31.59 -5.71 15.46
C MET C 589 31.47 -7.01 14.67
N PHE C 590 30.78 -6.91 13.53
CA PHE C 590 30.43 -8.07 12.73
C PHE C 590 31.22 -8.07 11.42
N ARG C 591 31.75 -9.23 11.07
CA ARG C 591 32.52 -9.41 9.84
C ARG C 591 31.71 -10.32 8.92
N CYS C 592 30.83 -9.72 8.13
CA CYS C 592 30.03 -10.47 7.17
C CYS C 592 30.90 -10.84 5.97
N THR C 593 30.88 -12.12 5.61
CA THR C 593 31.71 -12.65 4.53
C THR C 593 30.82 -13.31 3.48
N LEU C 594 31.16 -13.08 2.21
CA LEU C 594 30.40 -13.60 1.08
C LEU C 594 31.26 -14.63 0.35
N ARG C 595 30.76 -15.86 0.24
CA ARG C 595 31.45 -16.96 -0.44
C ARG C 595 30.45 -17.57 -1.43
N LEU C 596 30.39 -17.00 -2.63
CA LEU C 596 29.49 -17.52 -3.65
C LEU C 596 30.06 -18.81 -4.24
N PRO C 597 29.18 -19.75 -4.61
CA PRO C 597 29.66 -20.99 -5.26
C PRO C 597 30.19 -20.74 -6.66
N ILE C 598 30.58 -21.80 -7.35
CA ILE C 598 31.23 -21.66 -8.65
C ILE C 598 30.16 -21.40 -9.71
N ASN C 599 29.86 -20.13 -9.95
CA ASN C 599 28.88 -19.74 -10.97
C ASN C 599 29.29 -18.53 -11.78
N SER C 600 30.31 -17.78 -11.38
CA SER C 600 30.65 -16.52 -12.04
C SER C 600 32.13 -16.25 -11.81
N PRO C 601 32.71 -15.26 -12.51
CA PRO C 601 34.10 -14.89 -12.23
C PRO C 601 34.32 -14.40 -10.81
N LEU C 602 35.58 -14.12 -10.48
CA LEU C 602 35.96 -13.74 -9.13
C LEU C 602 35.16 -12.51 -8.66
N ARG C 603 35.12 -12.33 -7.34
CA ARG C 603 34.36 -11.27 -6.72
C ARG C 603 35.26 -10.48 -5.79
N GLU C 604 35.10 -9.15 -5.80
CA GLU C 604 35.87 -8.28 -4.93
C GLU C 604 35.35 -8.30 -3.49
N PRO C 605 34.06 -8.04 -3.24
CA PRO C 605 33.64 -7.97 -1.83
C PRO C 605 33.43 -9.35 -1.21
N ILE C 606 34.53 -10.04 -0.94
CA ILE C 606 34.45 -11.30 -0.20
C ILE C 606 33.94 -11.05 1.21
N THR C 607 34.50 -10.03 1.87
CA THR C 607 34.02 -9.59 3.17
C THR C 607 33.96 -8.08 3.19
N GLY C 608 33.00 -7.54 3.94
CA GLY C 608 32.77 -6.11 3.99
C GLY C 608 33.39 -5.45 5.22
N GLN C 609 33.20 -4.14 5.29
CA GLN C 609 33.69 -3.37 6.43
C GLN C 609 32.91 -3.76 7.68
N PRO C 610 33.56 -3.84 8.84
CA PRO C 610 32.83 -4.13 10.08
C PRO C 610 31.75 -3.08 10.34
N MET C 611 30.62 -3.54 10.85
CA MET C 611 29.47 -2.67 11.05
C MET C 611 28.89 -2.89 12.44
N PRO C 612 28.28 -1.87 13.03
CA PRO C 612 27.65 -2.06 14.35
C PRO C 612 26.54 -3.09 14.38
N SER C 613 25.79 -3.25 13.29
CA SER C 613 24.64 -4.15 13.26
C SER C 613 24.82 -5.22 12.20
N LYS C 614 24.17 -6.37 12.41
CA LYS C 614 24.27 -7.49 11.48
C LYS C 614 23.74 -7.11 10.10
N LYS C 615 22.60 -6.43 10.05
CA LYS C 615 22.01 -6.05 8.78
C LYS C 615 22.94 -5.12 8.00
N LEU C 616 23.50 -4.12 8.68
CA LEU C 616 24.44 -3.23 8.02
C LEU C 616 25.72 -3.97 7.63
N ALA C 617 26.11 -4.98 8.40
CA ALA C 617 27.25 -5.80 8.01
C ALA C 617 26.99 -6.51 6.70
N LYS C 618 25.79 -7.09 6.55
CA LYS C 618 25.44 -7.72 5.28
C LYS C 618 25.38 -6.71 4.15
N ARG C 619 24.83 -5.52 4.42
CA ARG C 619 24.75 -4.50 3.39
C ARG C 619 26.15 -4.09 2.92
N SER C 620 27.08 -3.90 3.86
CA SER C 620 28.43 -3.50 3.48
C SER C 620 29.17 -4.63 2.80
N ALA C 621 28.91 -5.89 3.18
CA ALA C 621 29.58 -7.01 2.55
C ALA C 621 28.96 -7.41 1.21
N ALA C 622 27.80 -6.86 0.86
CA ALA C 622 27.16 -7.19 -0.41
C ALA C 622 27.00 -6.03 -1.39
N LEU C 623 27.14 -4.78 -0.94
CA LEU C 623 26.89 -3.66 -1.84
C LEU C 623 27.98 -3.55 -2.90
N GLU C 624 29.23 -3.84 -2.54
CA GLU C 624 30.33 -3.68 -3.49
C GLU C 624 30.27 -4.67 -4.64
N ALA C 625 29.39 -5.68 -4.56
CA ALA C 625 29.23 -6.60 -5.68
C ALA C 625 28.75 -5.87 -6.93
N CYS C 626 27.82 -4.92 -6.77
CA CYS C 626 27.35 -4.15 -7.92
C CYS C 626 28.49 -3.34 -8.53
N LYS C 627 29.29 -2.67 -7.69
CA LYS C 627 30.39 -1.88 -8.21
C LYS C 627 31.39 -2.75 -8.94
N LYS C 628 31.71 -3.93 -8.39
CA LYS C 628 32.65 -4.82 -9.05
C LYS C 628 32.07 -5.29 -10.39
N LEU C 629 30.80 -5.71 -10.40
CA LEU C 629 30.22 -6.29 -11.60
C LEU C 629 30.05 -5.27 -12.72
N HIS C 630 29.82 -4.00 -12.37
CA HIS C 630 29.69 -2.99 -13.41
C HIS C 630 30.98 -2.82 -14.20
N GLU C 631 32.13 -2.84 -13.51
CA GLU C 631 33.39 -2.65 -14.19
C GLU C 631 33.72 -3.81 -15.12
N MET C 632 33.42 -5.05 -14.69
CA MET C 632 33.78 -6.20 -15.51
C MET C 632 32.91 -6.35 -16.75
N GLY C 633 31.80 -5.61 -16.84
CA GLY C 633 30.98 -5.60 -18.03
C GLY C 633 29.73 -6.44 -17.99
N GLU C 634 29.45 -7.11 -16.87
CA GLU C 634 28.23 -7.91 -16.78
C GLU C 634 26.99 -7.05 -16.90
N LEU C 635 26.98 -5.88 -16.27
CA LEU C 635 25.87 -4.94 -16.38
C LEU C 635 26.09 -4.09 -17.63
N ASP C 636 25.25 -3.06 -17.81
CA ASP C 636 25.32 -2.21 -19.00
C ASP C 636 25.06 -0.77 -18.58
N ASP C 637 24.79 0.08 -19.56
CA ASP C 637 24.53 1.49 -19.30
C ASP C 637 23.33 1.67 -18.37
N HIS C 638 22.38 0.76 -18.40
CA HIS C 638 21.23 0.81 -17.52
C HIS C 638 21.22 -0.35 -16.51
N LEU C 639 22.36 -1.00 -16.33
CA LEU C 639 22.54 -2.04 -15.31
C LEU C 639 21.50 -3.15 -15.45
N LEU C 640 21.19 -3.51 -16.69
CA LEU C 640 20.32 -4.66 -16.94
C LEU C 640 21.20 -5.82 -17.39
N PRO C 641 21.34 -6.87 -16.57
CA PRO C 641 22.32 -7.93 -16.90
C PRO C 641 21.91 -8.69 -18.15
N VAL C 642 22.79 -8.67 -19.15
CA VAL C 642 22.70 -9.41 -20.42
C VAL C 642 21.28 -9.50 -20.99
N LYS C 643 20.45 -8.49 -20.70
CA LYS C 643 19.12 -8.33 -21.27
C LYS C 643 18.35 -9.63 -21.42
N ILE C 644 18.16 -10.38 -20.34
CA ILE C 644 17.48 -11.67 -20.37
C ILE C 644 16.57 -11.77 -19.14
N SER C 645 15.74 -12.81 -19.13
CA SER C 645 14.73 -12.99 -18.11
C SER C 645 15.37 -13.34 -16.76
N ARG C 646 14.55 -13.28 -15.71
CA ARG C 646 14.94 -13.55 -14.33
C ARG C 646 15.95 -12.53 -13.83
N LYS C 647 16.09 -12.42 -12.50
CA LYS C 647 17.04 -11.53 -11.83
C LYS C 647 16.70 -10.05 -12.08
N ASN C 648 17.11 -9.20 -11.15
CA ASN C 648 16.93 -7.76 -11.32
C ASN C 648 18.24 -7.12 -11.79
AL AF3 D . -10.65 6.66 0.18
F1 AF3 D . -12.09 5.92 0.33
F2 AF3 D . -10.22 7.28 -1.27
F3 AF3 D . -9.88 7.21 1.52
PB ADP E . -12.23 8.39 -0.26
O1B ADP E . -12.48 7.29 -1.26
O2B ADP E . -13.38 8.65 0.69
O3B ADP E . -10.88 8.33 0.41
PA ADP E . -13.34 10.29 -2.05
O1A ADP E . -12.71 10.70 -3.36
O2A ADP E . -14.16 11.30 -1.28
O3A ADP E . -12.14 9.73 -1.14
O5' ADP E . -14.23 9.00 -2.42
C5' ADP E . -15.43 8.65 -1.76
C4' ADP E . -16.06 7.47 -2.50
O4' ADP E . -17.46 7.70 -2.67
C3' ADP E . -15.44 7.32 -3.87
O3' ADP E . -14.85 6.03 -4.00
C2' ADP E . -16.56 7.51 -4.87
O2' ADP E . -16.73 6.33 -5.67
C1' ADP E . -17.81 7.77 -4.06
N9 ADP E . -18.22 9.16 -4.34
C8 ADP E . -18.36 10.13 -3.40
N7 ADP E . -18.73 11.30 -3.97
C5 ADP E . -18.87 11.08 -5.29
C6 ADP E . -19.24 11.90 -6.46
N6 ADP E . -19.57 13.21 -6.32
N1 ADP E . -19.25 11.30 -7.67
C2 ADP E . -18.92 10.00 -7.82
N3 ADP E . -18.57 9.20 -6.79
C4 ADP E . -18.52 9.67 -5.54
#